data_6B14
#
_entry.id   6B14
#
_cell.length_a   146.773
_cell.length_b   79.993
_cell.length_c   92.892
_cell.angle_alpha   90.00
_cell.angle_beta   111.76
_cell.angle_gamma   90.00
#
_symmetry.space_group_name_H-M   'C 1 2 1'
#
loop_
_entity.id
_entity.type
_entity.pdbx_description
1 polymer 'Heavy chain of Fab BL3-6S97N'
2 polymer 'Light chain of Fab BL3-6S97N'
3 polymer 'RNA (86-MER)'
4 non-polymer 'MAGNESIUM ION'
5 water water
#
loop_
_entity_poly.entity_id
_entity_poly.type
_entity_poly.pdbx_seq_one_letter_code
_entity_poly.pdbx_strand_id
1 'polypeptide(L)'
;EVQLVESGGGLVQPGGSLRLSCAASGFYISYSSIHWVRQAPGKGLEWVASISPYSGSTYYADSVKGRFTISADTSKNTAY
LQMNSLRAEDTAVYYCARQGYRRRSGRGFDYWGQGTLVTVSSASTKGPSVFPLAPSSKSTSGGTAALGCLVKDYFPEPVT
VSWNSGALTSGVHTFPAVLQSSGLYSLSSVVTVPSSSLGTQTYICNVNHKPSNTKVDKKVEPKSC
;
H
2 'polypeptide(L)'
;SDIQMTQSPSSLSASVGDRVTITCRASQSVSSAVAWYQQKPGKAPKLLIYSASSLYSGVPSRFSGSRSGTDFTLTISSLQ
PEDFATYYCQQSYSFPNTFGQGTKVEIKRTVAAPSVFIFPPSDEQLKSGTASVVCLLNNFYPREAKVQWKVDNALQSGNS
QESVTEQDSKDSTYSLSSTLTLSKADYEKHKVYACEVTHQGLSSPVTKSFNRGEC
;
L
3 'polyribonucleotide'
;GACGCGACCGAAAUGGUGAAGGACGGGUCCAGUGCGAAACACGCACUGUUGAGUAGAGUGUGAGCUCCGUAACUGGUCGC
GUC
;
R
#
# COMPACT_ATOMS: atom_id res chain seq x y z
N GLU A 1 -19.57 0.64 -19.06
CA GLU A 1 -20.65 1.59 -18.84
C GLU A 1 -21.11 1.58 -17.39
N VAL A 2 -20.87 0.50 -16.67
CA VAL A 2 -21.22 0.42 -15.25
C VAL A 2 -20.10 1.06 -14.45
N GLN A 3 -20.46 1.96 -13.52
CA GLN A 3 -19.47 2.64 -12.69
C GLN A 3 -20.05 2.87 -11.29
N LEU A 4 -19.19 2.80 -10.29
CA LEU A 4 -19.54 3.24 -8.94
C LEU A 4 -18.49 4.26 -8.51
N VAL A 5 -18.93 5.35 -7.90
CA VAL A 5 -18.00 6.39 -7.44
C VAL A 5 -18.28 6.70 -5.97
N GLU A 6 -17.33 6.39 -5.10
CA GLU A 6 -17.58 6.69 -3.71
C GLU A 6 -17.00 8.06 -3.36
N SER A 7 -17.66 8.76 -2.46
CA SER A 7 -17.24 10.08 -2.03
C SER A 7 -17.62 10.27 -0.58
N GLY A 8 -17.08 11.32 0.03
CA GLY A 8 -17.37 11.62 1.42
C GLY A 8 -16.30 11.20 2.39
N GLY A 9 -15.18 10.65 1.92
CA GLY A 9 -14.10 10.29 2.81
C GLY A 9 -13.30 11.51 3.22
N GLY A 10 -12.42 11.29 4.17
CA GLY A 10 -11.63 12.37 4.71
C GLY A 10 -11.28 12.06 6.14
N LEU A 11 -10.87 13.11 6.86
CA LEU A 11 -10.41 12.96 8.23
C LEU A 11 -11.56 13.14 9.20
N VAL A 12 -11.55 12.36 10.28
CA VAL A 12 -12.56 12.48 11.34
C VAL A 12 -11.90 12.11 12.66
N GLN A 13 -12.32 12.79 13.75
CA GLN A 13 -11.75 12.46 15.05
C GLN A 13 -12.38 11.20 15.63
N PRO A 14 -11.66 10.49 16.49
CA PRO A 14 -12.25 9.32 17.16
C PRO A 14 -13.55 9.70 17.87
N GLY A 15 -14.53 8.83 17.77
CA GLY A 15 -15.87 9.13 18.22
C GLY A 15 -16.73 9.90 17.25
N GLY A 16 -16.16 10.45 16.18
CA GLY A 16 -16.92 11.23 15.24
C GLY A 16 -17.75 10.38 14.29
N SER A 17 -18.44 11.08 13.38
CA SER A 17 -19.33 10.47 12.42
C SER A 17 -18.93 10.91 11.02
N LEU A 18 -19.28 10.09 10.03
CA LEU A 18 -18.99 10.42 8.64
C LEU A 18 -19.94 9.61 7.78
N ARG A 19 -20.46 10.22 6.72
CA ARG A 19 -21.36 9.51 5.80
C ARG A 19 -20.67 9.40 4.44
N LEU A 20 -20.50 8.18 3.97
CA LEU A 20 -19.97 7.94 2.64
C LEU A 20 -21.13 7.77 1.67
N SER A 21 -20.90 8.17 0.43
CA SER A 21 -21.87 7.88 -0.61
C SER A 21 -21.23 7.09 -1.74
N CYS A 22 -22.08 6.36 -2.45
CA CYS A 22 -21.68 5.51 -3.56
C CYS A 22 -22.65 5.83 -4.69
N ALA A 23 -22.22 6.67 -5.64
CA ALA A 23 -23.04 7.06 -6.76
C ALA A 23 -22.89 6.05 -7.89
N ALA A 24 -23.98 5.37 -8.23
CA ALA A 24 -23.99 4.40 -9.30
C ALA A 24 -24.28 5.07 -10.63
N SER A 25 -23.70 4.52 -11.69
CA SER A 25 -24.12 4.91 -13.04
C SER A 25 -24.07 3.68 -13.95
N GLY A 26 -24.88 3.71 -15.00
CA GLY A 26 -24.92 2.60 -15.94
C GLY A 26 -25.79 1.44 -15.52
N PHE A 27 -26.40 1.52 -14.34
CA PHE A 27 -27.36 0.54 -13.84
C PHE A 27 -28.15 1.25 -12.75
N TYR A 28 -29.26 0.64 -12.36
CA TYR A 28 -30.15 1.16 -11.32
C TYR A 28 -29.99 0.31 -10.07
N ILE A 29 -29.65 0.94 -8.94
CA ILE A 29 -29.34 0.15 -7.75
C ILE A 29 -30.53 -0.65 -7.22
N SER A 30 -31.76 -0.28 -7.57
CA SER A 30 -32.91 -1.00 -7.04
C SER A 30 -32.93 -2.48 -7.42
N TYR A 31 -32.20 -2.89 -8.45
CA TYR A 31 -32.30 -4.26 -8.95
C TYR A 31 -31.16 -5.14 -8.45
N SER A 32 -30.32 -4.61 -7.58
CA SER A 32 -29.06 -5.24 -7.18
C SER A 32 -28.94 -5.18 -5.67
N SER A 33 -28.10 -6.06 -5.12
CA SER A 33 -27.53 -5.85 -3.78
C SER A 33 -26.30 -4.96 -3.90
N ILE A 34 -26.11 -4.09 -2.93
CA ILE A 34 -24.97 -3.19 -2.88
C ILE A 34 -24.20 -3.49 -1.60
N HIS A 35 -22.86 -3.55 -1.71
CA HIS A 35 -21.98 -3.93 -0.61
C HIS A 35 -20.97 -2.83 -0.35
N TRP A 36 -20.54 -2.74 0.90
CA TRP A 36 -19.38 -1.94 1.26
C TRP A 36 -18.30 -2.87 1.75
N VAL A 37 -17.08 -2.62 1.29
CA VAL A 37 -15.90 -3.43 1.63
C VAL A 37 -14.77 -2.44 1.90
N ARG A 38 -13.96 -2.70 2.92
CA ARG A 38 -12.90 -1.76 3.23
C ARG A 38 -11.55 -2.44 3.29
N GLN A 39 -10.51 -1.62 3.25
CA GLN A 39 -9.14 -2.13 3.17
C GLN A 39 -8.24 -1.18 3.93
N ALA A 40 -7.80 -1.60 5.11
CA ALA A 40 -6.85 -0.80 5.86
C ALA A 40 -5.53 -0.74 5.11
N PRO A 41 -4.75 0.32 5.29
CA PRO A 41 -3.54 0.48 4.47
C PRO A 41 -2.56 -0.68 4.70
N GLY A 42 -2.15 -1.30 3.61
CA GLY A 42 -1.27 -2.46 3.65
C GLY A 42 -1.92 -3.77 4.01
N LYS A 43 -3.23 -3.80 4.25
CA LYS A 43 -3.91 -5.01 4.70
C LYS A 43 -4.88 -5.52 3.63
N GLY A 44 -5.69 -6.50 4.03
CA GLY A 44 -6.58 -7.17 3.12
C GLY A 44 -7.97 -6.56 3.08
N LEU A 45 -8.80 -7.14 2.22
CA LEU A 45 -10.18 -6.72 2.11
C LEU A 45 -11.00 -7.24 3.29
N GLU A 46 -11.89 -6.38 3.78
CA GLU A 46 -12.77 -6.71 4.90
C GLU A 46 -14.18 -6.31 4.51
N TRP A 47 -15.08 -7.29 4.48
CA TRP A 47 -16.48 -6.99 4.19
C TRP A 47 -17.09 -6.18 5.35
N VAL A 48 -17.87 -5.17 5.02
CA VAL A 48 -18.43 -4.22 5.99
C VAL A 48 -19.94 -4.36 6.11
N ALA A 49 -20.66 -4.25 5.00
CA ALA A 49 -22.12 -4.18 5.08
C ALA A 49 -22.72 -4.42 3.72
N SER A 50 -24.01 -4.77 3.70
CA SER A 50 -24.72 -4.87 2.43
C SER A 50 -26.20 -4.57 2.61
N ILE A 51 -26.85 -4.23 1.50
CA ILE A 51 -28.30 -4.00 1.47
C ILE A 51 -28.90 -4.78 0.31
N SER A 52 -29.97 -5.52 0.58
CA SER A 52 -30.65 -6.41 -0.36
C SER A 52 -31.77 -5.67 -1.08
N PRO A 53 -31.98 -6.01 -2.36
CA PRO A 53 -33.10 -5.42 -3.10
C PRO A 53 -34.44 -5.98 -2.65
N TYR A 54 -35.48 -5.17 -2.87
CA TYR A 54 -36.92 -5.48 -2.74
C TYR A 54 -37.37 -5.57 -1.30
N SER A 55 -36.55 -6.16 -0.43
CA SER A 55 -36.81 -6.18 1.00
C SER A 55 -36.16 -5.03 1.75
N GLY A 56 -35.02 -4.51 1.27
CA GLY A 56 -34.26 -3.55 2.03
C GLY A 56 -33.53 -4.14 3.22
N SER A 57 -33.44 -5.46 3.31
CA SER A 57 -32.72 -6.09 4.42
C SER A 57 -31.27 -5.64 4.44
N THR A 58 -30.74 -5.39 5.65
CA THR A 58 -29.36 -4.93 5.80
C THR A 58 -28.57 -5.91 6.66
N TYR A 59 -27.28 -6.03 6.34
CA TYR A 59 -26.39 -6.96 7.02
C TYR A 59 -25.07 -6.26 7.29
N TYR A 60 -24.44 -6.61 8.42
CA TYR A 60 -23.25 -5.90 8.89
C TYR A 60 -22.20 -6.87 9.43
N ALA A 61 -20.94 -6.51 9.23
CA ALA A 61 -19.85 -7.21 9.91
C ALA A 61 -19.94 -6.99 11.41
N ASP A 62 -19.51 -8.00 12.17
CA ASP A 62 -19.48 -7.86 13.62
C ASP A 62 -18.71 -6.62 14.06
N SER A 63 -17.62 -6.30 13.35
CA SER A 63 -16.76 -5.18 13.75
C SER A 63 -17.42 -3.82 13.61
N VAL A 64 -18.53 -3.70 12.88
CA VAL A 64 -19.16 -2.40 12.69
C VAL A 64 -20.63 -2.38 13.09
N LYS A 65 -21.18 -3.53 13.49
CA LYS A 65 -22.61 -3.59 13.74
C LYS A 65 -22.97 -2.70 14.93
N GLY A 66 -24.10 -2.01 14.81
CA GLY A 66 -24.51 -1.05 15.80
C GLY A 66 -23.91 0.34 15.63
N ARG A 67 -22.86 0.48 14.85
CA ARG A 67 -22.23 1.77 14.60
C ARG A 67 -22.44 2.27 13.19
N PHE A 68 -22.55 1.37 12.21
CA PHE A 68 -22.70 1.74 10.80
C PHE A 68 -24.11 1.44 10.34
N THR A 69 -24.60 2.24 9.40
CA THR A 69 -25.91 2.01 8.78
C THR A 69 -25.77 2.17 7.27
N ILE A 70 -26.16 1.13 6.53
CA ILE A 70 -26.18 1.19 5.07
C ILE A 70 -27.59 1.55 4.62
N SER A 71 -27.69 2.33 3.54
CA SER A 71 -28.98 2.74 3.03
C SER A 71 -28.86 3.03 1.55
N ALA A 72 -30.01 3.25 0.91
CA ALA A 72 -30.05 3.54 -0.51
C ALA A 72 -31.05 4.66 -0.75
N ASP A 73 -30.76 5.51 -1.72
CA ASP A 73 -31.68 6.54 -2.19
C ASP A 73 -31.83 6.29 -3.70
N THR A 74 -32.89 5.61 -4.09
CA THR A 74 -33.05 5.28 -5.50
C THR A 74 -33.27 6.51 -6.38
N SER A 75 -33.77 7.61 -5.82
CA SER A 75 -33.96 8.81 -6.64
C SER A 75 -32.65 9.51 -6.96
N LYS A 76 -31.59 9.26 -6.18
CA LYS A 76 -30.25 9.70 -6.54
C LYS A 76 -29.41 8.56 -7.10
N ASN A 77 -30.00 7.36 -7.20
CA ASN A 77 -29.29 6.15 -7.63
C ASN A 77 -27.97 6.01 -6.85
N THR A 78 -28.05 6.24 -5.55
CA THR A 78 -26.87 6.32 -4.69
C THR A 78 -27.11 5.51 -3.43
N ALA A 79 -26.08 4.83 -2.96
CA ALA A 79 -26.10 4.12 -1.69
C ALA A 79 -25.22 4.88 -0.70
N TYR A 80 -25.48 4.67 0.59
CA TYR A 80 -24.79 5.41 1.64
C TYR A 80 -24.27 4.47 2.72
N LEU A 81 -23.20 4.90 3.38
CA LEU A 81 -22.73 4.25 4.60
C LEU A 81 -22.57 5.31 5.66
N GLN A 82 -23.46 5.32 6.65
CA GLN A 82 -23.39 6.24 7.77
C GLN A 82 -22.55 5.60 8.86
N MET A 83 -21.44 6.24 9.22
CA MET A 83 -20.52 5.66 10.18
C MET A 83 -20.51 6.53 11.43
N ASN A 84 -20.88 5.94 12.55
CA ASN A 84 -20.88 6.61 13.84
C ASN A 84 -19.83 6.00 14.76
N SER A 85 -19.48 6.75 15.81
CA SER A 85 -18.56 6.27 16.84
C SER A 85 -17.30 5.67 16.24
N LEU A 86 -16.69 6.42 15.32
CA LEU A 86 -15.54 5.91 14.58
C LEU A 86 -14.31 5.75 15.48
N ARG A 87 -13.51 4.75 15.16
CA ARG A 87 -12.28 4.47 15.89
C ARG A 87 -11.11 4.44 14.93
N ALA A 88 -9.92 4.61 15.48
CA ALA A 88 -8.70 4.59 14.67
C ALA A 88 -8.65 3.36 13.76
N GLU A 89 -9.15 2.22 14.24
CA GLU A 89 -9.10 0.97 13.49
C GLU A 89 -10.07 0.95 12.32
N ASP A 90 -10.94 1.94 12.19
CA ASP A 90 -11.79 2.10 11.02
C ASP A 90 -11.09 2.83 9.89
N THR A 91 -9.84 3.25 10.09
CA THR A 91 -9.09 3.89 9.01
C THR A 91 -8.88 2.89 7.88
N ALA A 92 -9.26 3.28 6.67
CA ALA A 92 -9.27 2.33 5.55
C ALA A 92 -9.72 3.05 4.29
N VAL A 93 -9.41 2.43 3.15
CA VAL A 93 -10.09 2.77 1.91
C VAL A 93 -11.42 2.05 1.90
N TYR A 94 -12.50 2.78 1.66
CA TYR A 94 -13.83 2.19 1.64
C TYR A 94 -14.29 2.07 0.19
N TYR A 95 -14.59 0.83 -0.23
CA TYR A 95 -15.11 0.54 -1.56
C TYR A 95 -16.59 0.24 -1.49
N CYS A 96 -17.33 0.67 -2.50
CA CYS A 96 -18.66 0.10 -2.68
C CYS A 96 -18.61 -0.80 -3.89
N ALA A 97 -19.42 -1.85 -3.85
CA ALA A 97 -19.36 -2.86 -4.89
C ALA A 97 -20.76 -3.31 -5.20
N ARG A 98 -21.04 -3.56 -6.48
CA ARG A 98 -22.31 -4.12 -6.88
C ARG A 98 -22.20 -5.64 -6.86
N GLN A 99 -23.12 -6.30 -6.17
CA GLN A 99 -23.28 -7.72 -6.41
C GLN A 99 -24.01 -7.87 -7.74
N GLY A 100 -23.43 -8.64 -8.66
CA GLY A 100 -23.96 -8.75 -10.00
C GLY A 100 -25.28 -9.54 -10.07
N TYR A 101 -25.72 -9.78 -11.31
CA TYR A 101 -26.98 -10.47 -11.56
C TYR A 101 -26.81 -11.96 -11.40
N ARG A 102 -27.74 -12.58 -10.68
CA ARG A 102 -27.59 -13.97 -10.26
C ARG A 102 -27.31 -14.90 -11.43
N ARG A 103 -28.06 -14.73 -12.53
CA ARG A 103 -27.90 -15.63 -13.67
C ARG A 103 -26.56 -15.45 -14.37
N ARG A 104 -25.97 -14.26 -14.27
CA ARG A 104 -24.76 -13.91 -15.00
C ARG A 104 -23.51 -14.22 -14.20
N SER A 105 -23.53 -13.95 -12.88
CA SER A 105 -22.29 -14.09 -12.12
C SER A 105 -22.56 -14.53 -10.69
N GLY A 106 -23.69 -15.17 -10.43
CA GLY A 106 -23.96 -15.70 -9.09
C GLY A 106 -24.03 -14.56 -8.09
N ARG A 107 -23.38 -14.76 -6.94
CA ARG A 107 -23.26 -13.71 -5.92
C ARG A 107 -21.95 -12.95 -5.99
N GLY A 108 -21.17 -13.11 -7.06
CA GLY A 108 -19.93 -12.36 -7.17
C GLY A 108 -20.16 -10.86 -7.22
N PHE A 109 -19.18 -10.11 -6.74
CA PHE A 109 -19.25 -8.64 -6.78
C PHE A 109 -18.60 -8.23 -8.09
N ASP A 110 -19.41 -7.88 -9.09
CA ASP A 110 -18.84 -7.75 -10.42
C ASP A 110 -18.31 -6.36 -10.76
N TYR A 111 -18.74 -5.30 -10.06
CA TYR A 111 -18.20 -3.97 -10.25
C TYR A 111 -17.89 -3.32 -8.91
N TRP A 112 -16.75 -2.64 -8.85
CA TRP A 112 -16.25 -1.99 -7.65
C TRP A 112 -15.91 -0.54 -7.98
N GLY A 113 -16.15 0.36 -7.04
CA GLY A 113 -15.64 1.70 -7.17
C GLY A 113 -14.15 1.76 -6.92
N GLN A 114 -13.60 2.97 -7.11
CA GLN A 114 -12.18 3.25 -6.88
C GLN A 114 -11.82 3.41 -5.40
N GLY A 115 -12.80 3.55 -4.53
CA GLY A 115 -12.53 3.65 -3.09
C GLY A 115 -12.34 5.10 -2.65
N THR A 116 -12.63 5.34 -1.36
CA THR A 116 -12.41 6.66 -0.77
C THR A 116 -11.75 6.48 0.59
N LEU A 117 -10.70 7.25 0.86
CA LEU A 117 -9.93 7.06 2.08
C LEU A 117 -10.59 7.77 3.26
N VAL A 118 -10.79 7.02 4.34
CA VAL A 118 -11.30 7.54 5.61
C VAL A 118 -10.18 7.41 6.63
N THR A 119 -9.78 8.53 7.24
CA THR A 119 -8.74 8.54 8.26
C THR A 119 -9.38 8.95 9.58
N VAL A 120 -9.25 8.10 10.60
CA VAL A 120 -9.80 8.36 11.93
C VAL A 120 -8.64 8.58 12.88
N SER A 121 -8.51 9.80 13.38
CA SER A 121 -7.31 10.13 14.16
C SER A 121 -7.53 11.45 14.85
N SER A 122 -6.88 11.61 16.00
CA SER A 122 -6.93 12.88 16.71
C SER A 122 -5.91 13.89 16.21
N ALA A 123 -5.03 13.49 15.30
CA ALA A 123 -4.08 14.43 14.72
C ALA A 123 -4.79 15.46 13.85
N SER A 124 -4.21 16.65 13.76
CA SER A 124 -4.79 17.70 12.93
C SER A 124 -4.03 17.80 11.62
N THR A 125 -4.74 18.26 10.59
CA THR A 125 -4.16 18.44 9.27
C THR A 125 -2.88 19.27 9.34
N LYS A 126 -1.84 18.80 8.66
CA LYS A 126 -0.53 19.43 8.72
C LYS A 126 0.22 19.11 7.43
N GLY A 127 0.84 20.13 6.84
CA GLY A 127 1.65 19.93 5.66
C GLY A 127 3.04 19.43 6.01
N PRO A 128 3.70 18.78 5.06
CA PRO A 128 5.03 18.24 5.33
C PRO A 128 6.11 19.30 5.31
N SER A 129 7.18 19.03 6.04
CA SER A 129 8.47 19.63 5.77
C SER A 129 9.22 18.72 4.81
N VAL A 130 9.88 19.32 3.83
CA VAL A 130 10.56 18.55 2.79
C VAL A 130 12.04 18.84 2.90
N PHE A 131 12.83 17.80 3.16
CA PHE A 131 14.25 17.96 3.40
C PHE A 131 15.05 17.23 2.33
N PRO A 132 16.19 17.76 1.92
CA PRO A 132 16.98 17.07 0.90
C PRO A 132 17.70 15.86 1.47
N LEU A 133 17.77 14.82 0.66
CA LEU A 133 18.68 13.70 0.86
C LEU A 133 19.77 13.90 -0.18
N ALA A 134 20.87 14.56 0.23
CA ALA A 134 21.85 15.08 -0.72
C ALA A 134 22.77 13.96 -1.21
N PRO A 135 23.21 14.01 -2.47
CA PRO A 135 24.15 13.00 -2.95
C PRO A 135 25.46 13.09 -2.19
N SER A 136 25.98 11.93 -1.81
CA SER A 136 27.15 11.88 -0.93
C SER A 136 28.37 12.49 -1.62
N SER A 137 29.17 13.21 -0.84
CA SER A 137 30.34 13.90 -1.36
C SER A 137 31.44 12.95 -1.79
N LYS A 138 31.32 11.66 -1.50
CA LYS A 138 32.20 10.66 -2.07
C LYS A 138 31.84 10.48 -3.55
N SER A 139 32.37 9.43 -4.17
CA SER A 139 31.73 8.94 -5.38
C SER A 139 30.51 8.17 -4.92
N THR A 140 30.19 7.04 -5.56
CA THR A 140 28.89 6.43 -5.31
C THR A 140 28.97 4.90 -5.40
N SER A 141 27.86 4.25 -5.02
CA SER A 141 27.74 2.80 -4.98
C SER A 141 27.17 2.28 -6.29
N GLY A 142 27.92 1.40 -6.96
CA GLY A 142 27.61 0.99 -8.34
C GLY A 142 28.38 1.85 -9.35
N GLY A 143 27.66 2.74 -10.02
CA GLY A 143 28.29 3.78 -10.81
C GLY A 143 27.49 5.06 -10.64
N THR A 144 26.36 4.93 -9.96
CA THR A 144 25.33 5.96 -9.90
C THR A 144 25.26 6.55 -8.51
N ALA A 145 24.99 7.85 -8.44
CA ALA A 145 24.68 8.51 -7.18
C ALA A 145 23.22 8.31 -6.81
N ALA A 146 22.93 8.42 -5.52
CA ALA A 146 21.56 8.44 -5.07
C ALA A 146 21.28 9.74 -4.34
N LEU A 147 20.11 10.32 -4.61
CA LEU A 147 19.64 11.50 -3.90
C LEU A 147 18.14 11.38 -3.73
N GLY A 148 17.56 12.30 -2.99
CA GLY A 148 16.16 12.18 -2.68
C GLY A 148 15.63 13.35 -1.90
N CYS A 149 14.38 13.22 -1.48
CA CYS A 149 13.73 14.17 -0.60
C CYS A 149 13.03 13.41 0.52
N LEU A 150 13.14 13.92 1.74
CA LEU A 150 12.44 13.36 2.88
C LEU A 150 11.20 14.21 3.16
N VAL A 151 10.02 13.60 3.06
CA VAL A 151 8.75 14.30 3.18
C VAL A 151 8.18 13.97 4.56
N LYS A 152 8.37 14.87 5.52
CA LYS A 152 8.24 14.51 6.92
C LYS A 152 7.11 15.25 7.62
N ASP A 153 6.37 14.51 8.44
CA ASP A 153 5.42 15.06 9.41
C ASP A 153 4.22 15.72 8.76
N TYR A 154 3.49 14.99 7.92
CA TYR A 154 2.28 15.52 7.31
C TYR A 154 1.09 14.69 7.75
N PHE A 155 -0.11 15.27 7.57
CA PHE A 155 -1.33 14.56 7.95
C PHE A 155 -2.52 15.22 7.27
N PRO A 156 -3.46 14.46 6.69
CA PRO A 156 -3.46 13.00 6.55
C PRO A 156 -2.78 12.57 5.28
N GLU A 157 -2.84 11.27 4.96
CA GLU A 157 -2.53 10.84 3.62
C GLU A 157 -3.55 11.46 2.67
N PRO A 158 -3.20 11.60 1.37
CA PRO A 158 -1.95 11.25 0.70
C PRO A 158 -1.09 12.46 0.35
N VAL A 159 0.15 12.21 -0.04
CA VAL A 159 0.98 13.21 -0.72
C VAL A 159 1.39 12.60 -2.05
N THR A 160 1.72 13.46 -3.01
CA THR A 160 2.29 13.01 -4.26
C THR A 160 3.68 13.58 -4.39
N VAL A 161 4.58 12.81 -4.98
CA VAL A 161 5.94 13.25 -5.25
C VAL A 161 6.25 12.98 -6.72
N SER A 162 6.85 13.97 -7.37
CA SER A 162 7.41 13.78 -8.70
C SER A 162 8.78 14.41 -8.72
N TRP A 163 9.53 14.12 -9.78
CA TRP A 163 10.86 14.65 -9.98
C TRP A 163 10.90 15.40 -11.30
N ASN A 164 11.40 16.64 -11.26
CA ASN A 164 11.53 17.47 -12.45
C ASN A 164 10.20 17.60 -13.16
N SER A 165 9.17 17.90 -12.36
CA SER A 165 7.80 18.10 -12.83
C SER A 165 7.30 16.94 -13.70
N GLY A 166 7.76 15.74 -13.40
CA GLY A 166 7.36 14.55 -14.13
C GLY A 166 8.32 14.11 -15.22
N ALA A 167 9.32 14.94 -15.54
CA ALA A 167 10.25 14.59 -16.62
C ALA A 167 11.14 13.41 -16.25
N LEU A 168 11.51 13.31 -14.96
CA LEU A 168 12.42 12.28 -14.48
C LEU A 168 11.61 11.19 -13.79
N THR A 169 11.61 9.99 -14.38
CA THR A 169 10.85 8.87 -13.83
C THR A 169 11.74 7.65 -13.67
N SER A 170 12.75 7.52 -14.53
CA SER A 170 13.61 6.34 -14.49
C SER A 170 14.46 6.35 -13.22
N GLY A 171 14.47 5.23 -12.50
CA GLY A 171 15.26 5.13 -11.29
C GLY A 171 14.67 5.81 -10.09
N VAL A 172 13.45 6.32 -10.19
CA VAL A 172 12.77 6.94 -9.05
C VAL A 172 12.10 5.85 -8.23
N HIS A 173 12.25 5.93 -6.90
CA HIS A 173 11.52 5.09 -5.96
C HIS A 173 10.90 6.00 -4.91
N THR A 174 9.56 6.04 -4.86
CA THR A 174 8.86 6.79 -3.81
C THR A 174 8.23 5.77 -2.87
N PHE A 175 8.61 5.86 -1.59
CA PHE A 175 8.30 4.80 -0.64
C PHE A 175 6.93 5.01 -0.02
N PRO A 176 6.28 3.92 0.36
CA PRO A 176 5.03 4.05 1.13
C PRO A 176 5.28 4.80 2.42
N ALA A 177 4.33 5.65 2.78
CA ALA A 177 4.44 6.40 4.03
C ALA A 177 4.40 5.45 5.22
N VAL A 178 5.08 5.85 6.29
CA VAL A 178 4.94 5.21 7.59
C VAL A 178 4.21 6.16 8.52
N LEU A 179 3.37 5.59 9.37
CA LEU A 179 2.72 6.36 10.42
C LEU A 179 3.63 6.36 11.63
N GLN A 180 4.10 7.55 12.03
CA GLN A 180 4.99 7.66 13.16
C GLN A 180 4.20 7.66 14.46
N SER A 181 4.90 7.43 15.57
CA SER A 181 4.22 7.43 16.86
C SER A 181 3.62 8.79 17.20
N SER A 182 4.08 9.86 16.57
CA SER A 182 3.46 11.17 16.71
C SER A 182 2.06 11.23 16.14
N GLY A 183 1.66 10.27 15.32
CA GLY A 183 0.41 10.37 14.58
C GLY A 183 0.54 11.01 13.23
N LEU A 184 1.72 11.49 12.86
CA LEU A 184 2.00 12.08 11.55
C LEU A 184 2.69 11.06 10.65
N TYR A 185 2.54 11.26 9.35
CA TYR A 185 3.16 10.41 8.35
C TYR A 185 4.51 10.97 7.90
N SER A 186 5.34 10.09 7.36
CA SER A 186 6.59 10.48 6.75
C SER A 186 6.91 9.50 5.62
N LEU A 187 7.52 10.01 4.56
CA LEU A 187 8.00 9.12 3.51
C LEU A 187 9.20 9.78 2.85
N SER A 188 9.92 9.00 2.06
CA SER A 188 11.01 9.52 1.25
C SER A 188 10.81 9.11 -0.21
N SER A 189 11.33 9.93 -1.10
CA SER A 189 11.44 9.61 -2.52
C SER A 189 12.88 9.76 -2.91
N VAL A 190 13.43 8.75 -3.60
CA VAL A 190 14.84 8.76 -4.00
C VAL A 190 14.93 8.52 -5.50
N VAL A 191 16.07 8.90 -6.06
CA VAL A 191 16.36 8.61 -7.46
C VAL A 191 17.85 8.34 -7.55
N THR A 192 18.21 7.35 -8.38
CA THR A 192 19.61 7.10 -8.68
C THR A 192 19.95 7.81 -9.99
N VAL A 193 21.08 8.52 -10.01
CA VAL A 193 21.51 9.32 -11.15
C VAL A 193 23.00 9.12 -11.34
N PRO A 194 23.53 9.46 -12.53
CA PRO A 194 24.98 9.36 -12.72
C PRO A 194 25.72 10.37 -11.85
N SER A 195 26.81 9.91 -11.21
CA SER A 195 27.58 10.80 -10.36
C SER A 195 28.20 11.93 -11.17
N SER A 196 28.49 11.70 -12.45
CA SER A 196 29.12 12.71 -13.29
C SER A 196 28.20 13.86 -13.62
N SER A 197 26.90 13.74 -13.37
CA SER A 197 25.94 14.80 -13.68
C SER A 197 25.58 15.64 -12.47
N LEU A 198 26.14 15.32 -11.28
CA LEU A 198 25.64 15.92 -10.06
C LEU A 198 25.80 17.43 -10.04
N GLY A 199 26.85 17.95 -10.67
CA GLY A 199 27.06 19.39 -10.68
C GLY A 199 26.46 20.14 -11.85
N THR A 200 25.93 19.43 -12.85
CA THR A 200 25.40 20.09 -14.04
C THR A 200 23.95 19.76 -14.35
N GLN A 201 23.44 18.62 -13.88
CA GLN A 201 22.03 18.31 -14.03
C GLN A 201 21.27 18.81 -12.81
N THR A 202 20.02 19.20 -13.04
CA THR A 202 19.16 19.77 -12.00
C THR A 202 18.16 18.71 -11.53
N TYR A 203 18.00 18.57 -10.22
CA TYR A 203 17.10 17.59 -9.65
C TYR A 203 16.19 18.27 -8.64
N ILE A 204 14.89 18.28 -8.92
CA ILE A 204 13.89 18.96 -8.09
C ILE A 204 12.80 17.95 -7.75
N CYS A 205 12.52 17.79 -6.46
CA CYS A 205 11.40 16.96 -6.05
C CYS A 205 10.16 17.84 -5.84
N ASN A 206 9.07 17.46 -6.49
CA ASN A 206 7.83 18.22 -6.42
C ASN A 206 6.87 17.48 -5.50
N VAL A 207 6.49 18.14 -4.40
CA VAL A 207 5.68 17.54 -3.34
C VAL A 207 4.38 18.30 -3.24
N ASN A 208 3.25 17.57 -3.28
CA ASN A 208 1.93 18.17 -3.18
C ASN A 208 1.14 17.46 -2.09
N HIS A 209 0.68 18.22 -1.09
CA HIS A 209 -0.20 17.74 -0.03
C HIS A 209 -1.45 18.60 -0.07
N LYS A 210 -2.48 18.12 -0.77
CA LYS A 210 -3.66 18.95 -0.98
C LYS A 210 -4.47 19.22 0.28
N PRO A 211 -4.60 18.30 1.24
CA PRO A 211 -5.39 18.63 2.45
C PRO A 211 -4.90 19.87 3.19
N SER A 212 -3.61 20.16 3.19
CA SER A 212 -3.06 21.28 3.96
C SER A 212 -2.72 22.50 3.12
N ASN A 213 -3.02 22.49 1.82
CA ASN A 213 -2.61 23.58 0.93
C ASN A 213 -1.09 23.76 0.95
N THR A 214 -0.38 22.64 0.82
CA THR A 214 1.09 22.64 0.86
C THR A 214 1.61 22.02 -0.43
N LYS A 215 2.19 22.85 -1.30
CA LYS A 215 2.81 22.37 -2.52
C LYS A 215 4.17 23.06 -2.60
N VAL A 216 5.24 22.28 -2.64
CA VAL A 216 6.59 22.81 -2.60
C VAL A 216 7.45 22.06 -3.58
N ASP A 217 8.55 22.71 -3.96
CA ASP A 217 9.54 22.12 -4.83
C ASP A 217 10.90 22.35 -4.19
N LYS A 218 11.68 21.29 -4.08
CA LYS A 218 12.98 21.35 -3.41
C LYS A 218 14.05 20.92 -4.40
N LYS A 219 14.99 21.81 -4.65
CA LYS A 219 16.18 21.46 -5.42
C LYS A 219 17.13 20.70 -4.52
N VAL A 220 17.62 19.57 -5.00
CA VAL A 220 18.53 18.71 -4.23
C VAL A 220 19.89 18.77 -4.92
N GLU A 221 20.87 19.30 -4.23
CA GLU A 221 22.22 19.47 -4.74
C GLU A 221 23.22 18.84 -3.79
N PRO A 222 24.44 18.55 -4.26
CA PRO A 222 25.52 18.22 -3.32
C PRO A 222 25.83 19.40 -2.42
N LYS A 223 26.43 19.11 -1.27
CA LYS A 223 26.69 20.14 -0.27
C LYS A 223 28.06 20.79 -0.45
N SER A 224 28.88 20.79 0.60
CA SER A 224 30.19 21.44 0.57
C SER A 224 31.26 20.45 0.13
N CYS A 225 32.23 20.18 1.01
CA CYS A 225 33.30 19.24 0.68
C CYS A 225 32.73 17.83 0.57
N SER B 1 -21.74 -18.84 14.27
CA SER B 1 -20.33 -18.54 14.10
C SER B 1 -20.10 -17.96 12.69
N ASP B 2 -19.34 -16.87 12.58
CA ASP B 2 -18.95 -16.37 11.27
C ASP B 2 -18.13 -17.43 10.55
N ILE B 3 -18.21 -17.46 9.23
CA ILE B 3 -17.48 -18.44 8.46
C ILE B 3 -16.07 -17.90 8.21
N GLN B 4 -15.06 -18.66 8.59
CA GLN B 4 -13.67 -18.30 8.33
C GLN B 4 -13.25 -18.80 6.96
N MET B 5 -12.49 -17.97 6.23
CA MET B 5 -11.92 -18.34 4.93
C MET B 5 -10.42 -18.26 5.11
N THR B 6 -9.74 -19.42 5.23
CA THR B 6 -8.31 -19.48 5.51
C THR B 6 -7.55 -19.64 4.20
N GLN B 7 -6.83 -18.59 3.81
CA GLN B 7 -6.22 -18.51 2.49
C GLN B 7 -4.72 -18.75 2.60
N SER B 8 -4.18 -19.56 1.68
CA SER B 8 -2.76 -19.91 1.70
C SER B 8 -2.27 -20.06 0.26
N PRO B 9 -0.98 -19.77 0.00
CA PRO B 9 0.01 -19.17 0.89
C PRO B 9 -0.23 -17.68 1.02
N SER B 10 0.42 -17.01 1.98
CA SER B 10 0.28 -15.55 2.01
C SER B 10 0.98 -14.90 0.84
N SER B 11 2.05 -15.51 0.33
CA SER B 11 2.67 -15.00 -0.89
C SER B 11 3.36 -16.15 -1.60
N LEU B 12 3.59 -15.96 -2.89
CA LEU B 12 4.36 -16.93 -3.63
C LEU B 12 5.11 -16.22 -4.73
N SER B 13 6.27 -16.76 -5.07
CA SER B 13 7.09 -16.25 -6.14
C SER B 13 7.06 -17.27 -7.27
N ALA B 14 6.87 -16.79 -8.48
CA ALA B 14 6.77 -17.68 -9.62
C ALA B 14 7.32 -16.98 -10.86
N SER B 15 7.64 -17.78 -11.87
CA SER B 15 8.12 -17.28 -13.14
C SER B 15 6.97 -17.14 -14.12
N VAL B 16 7.13 -16.22 -15.08
CA VAL B 16 6.16 -16.17 -16.18
C VAL B 16 6.11 -17.54 -16.82
N GLY B 17 4.89 -18.01 -17.11
CA GLY B 17 4.69 -19.32 -17.68
C GLY B 17 4.41 -20.42 -16.69
N ASP B 18 4.65 -20.19 -15.40
CA ASP B 18 4.41 -21.19 -14.38
C ASP B 18 2.92 -21.39 -14.12
N ARG B 19 2.59 -22.60 -13.68
CA ARG B 19 1.27 -22.93 -13.17
C ARG B 19 1.26 -22.69 -11.66
N VAL B 20 0.31 -21.88 -11.17
CA VAL B 20 0.27 -21.64 -9.73
C VAL B 20 -1.14 -21.90 -9.21
N THR B 21 -1.22 -22.31 -7.94
CA THR B 21 -2.50 -22.60 -7.30
C THR B 21 -2.58 -21.90 -5.96
N ILE B 22 -3.70 -21.23 -5.71
CA ILE B 22 -3.96 -20.53 -4.47
C ILE B 22 -5.14 -21.19 -3.79
N THR B 23 -5.06 -21.41 -2.48
CA THR B 23 -6.07 -22.23 -1.81
C THR B 23 -6.82 -21.42 -0.77
N CYS B 24 -8.12 -21.68 -0.63
CA CYS B 24 -8.94 -21.06 0.40
C CYS B 24 -9.75 -22.14 1.06
N ARG B 25 -9.64 -22.27 2.39
CA ARG B 25 -10.30 -23.34 3.10
C ARG B 25 -11.36 -22.77 4.05
N ALA B 26 -12.62 -23.08 3.80
CA ALA B 26 -13.72 -22.55 4.59
C ALA B 26 -13.90 -23.38 5.86
N SER B 27 -14.36 -22.72 6.93
CA SER B 27 -14.50 -23.35 8.23
C SER B 27 -15.84 -24.05 8.43
N GLN B 28 -16.76 -23.90 7.49
CA GLN B 28 -17.97 -24.72 7.41
C GLN B 28 -18.39 -24.74 5.95
N SER B 29 -19.43 -25.52 5.65
CA SER B 29 -19.92 -25.58 4.27
C SER B 29 -20.28 -24.19 3.78
N VAL B 30 -19.85 -23.87 2.56
CA VAL B 30 -20.27 -22.67 1.88
C VAL B 30 -20.90 -23.02 0.54
N SER B 31 -21.30 -24.28 0.38
CA SER B 31 -21.80 -24.80 -0.90
C SER B 31 -20.77 -24.40 -1.96
N SER B 32 -21.18 -23.79 -3.08
CA SER B 32 -20.21 -23.29 -4.05
C SER B 32 -20.17 -21.77 -4.09
N ALA B 33 -20.63 -21.10 -3.02
CA ALA B 33 -20.74 -19.63 -3.03
C ALA B 33 -19.39 -18.99 -2.69
N VAL B 34 -18.44 -19.14 -3.60
CA VAL B 34 -17.09 -18.63 -3.39
C VAL B 34 -16.67 -17.89 -4.64
N ALA B 35 -16.19 -16.66 -4.48
CA ALA B 35 -15.69 -15.88 -5.59
C ALA B 35 -14.21 -15.62 -5.40
N TRP B 36 -13.51 -15.36 -6.50
CA TRP B 36 -12.11 -14.96 -6.45
C TRP B 36 -11.94 -13.61 -7.14
N TYR B 37 -11.11 -12.74 -6.54
CA TYR B 37 -10.82 -11.41 -7.04
C TYR B 37 -9.32 -11.21 -7.21
N GLN B 38 -8.96 -10.37 -8.17
CA GLN B 38 -7.60 -9.90 -8.38
C GLN B 38 -7.48 -8.43 -8.01
N GLN B 39 -6.40 -8.04 -7.33
CA GLN B 39 -6.25 -6.64 -6.99
C GLN B 39 -4.80 -6.20 -7.20
N LYS B 40 -4.62 -5.12 -7.97
CA LYS B 40 -3.29 -4.57 -8.19
C LYS B 40 -3.10 -3.35 -7.29
N PRO B 41 -1.87 -2.99 -6.98
CA PRO B 41 -1.64 -1.90 -6.01
C PRO B 41 -2.33 -0.61 -6.42
N GLY B 42 -3.08 -0.05 -5.48
CA GLY B 42 -3.76 1.21 -5.68
C GLY B 42 -5.05 1.12 -6.46
N LYS B 43 -5.47 -0.08 -6.86
CA LYS B 43 -6.59 -0.28 -7.75
C LYS B 43 -7.69 -1.06 -7.05
N ALA B 44 -8.90 -0.94 -7.56
CA ALA B 44 -9.98 -1.73 -7.01
C ALA B 44 -9.86 -3.20 -7.42
N PRO B 45 -10.40 -4.11 -6.60
CA PRO B 45 -10.42 -5.53 -6.96
C PRO B 45 -11.26 -5.76 -8.20
N LYS B 46 -10.95 -6.86 -8.90
CA LYS B 46 -11.71 -7.26 -10.08
C LYS B 46 -12.13 -8.72 -9.93
N LEU B 47 -13.39 -9.00 -10.29
CA LEU B 47 -13.91 -10.36 -10.20
C LEU B 47 -13.30 -11.26 -11.28
N LEU B 48 -12.87 -12.47 -10.88
CA LEU B 48 -12.30 -13.48 -11.78
C LEU B 48 -13.21 -14.69 -11.92
N ILE B 49 -13.62 -15.26 -10.80
CA ILE B 49 -14.33 -16.52 -10.73
C ILE B 49 -15.52 -16.32 -9.80
N TYR B 50 -16.68 -16.83 -10.16
CA TYR B 50 -17.84 -16.82 -9.28
C TYR B 50 -18.38 -18.23 -9.13
N SER B 51 -19.12 -18.47 -8.03
CA SER B 51 -19.73 -19.77 -7.75
C SER B 51 -18.71 -20.90 -7.85
N ALA B 52 -17.52 -20.64 -7.31
CA ALA B 52 -16.41 -21.59 -7.09
C ALA B 52 -15.64 -21.89 -8.37
N SER B 53 -16.35 -22.11 -9.48
CA SER B 53 -15.69 -22.62 -10.67
C SER B 53 -16.11 -21.94 -11.96
N SER B 54 -16.96 -20.92 -11.93
CA SER B 54 -17.42 -20.29 -13.16
C SER B 54 -16.58 -19.08 -13.54
N LEU B 55 -16.15 -19.04 -14.79
CA LEU B 55 -15.30 -17.95 -15.24
C LEU B 55 -16.14 -16.70 -15.50
N TYR B 56 -15.79 -15.59 -14.86
CA TYR B 56 -16.54 -14.35 -15.07
C TYR B 56 -16.32 -13.84 -16.49
N SER B 57 -17.37 -13.25 -17.06
CA SER B 57 -17.32 -12.78 -18.44
C SER B 57 -16.12 -11.87 -18.68
N GLY B 58 -15.37 -12.18 -19.74
CA GLY B 58 -14.22 -11.38 -20.12
C GLY B 58 -12.91 -11.75 -19.47
N VAL B 59 -12.90 -12.67 -18.52
CA VAL B 59 -11.66 -13.10 -17.86
C VAL B 59 -10.99 -14.19 -18.69
N PRO B 60 -9.66 -14.16 -18.85
CA PRO B 60 -9.00 -15.17 -19.68
C PRO B 60 -9.11 -16.56 -19.09
N SER B 61 -9.16 -17.56 -19.97
CA SER B 61 -9.42 -18.92 -19.52
C SER B 61 -8.26 -19.55 -18.78
N ARG B 62 -7.09 -18.91 -18.73
CA ARG B 62 -6.03 -19.48 -17.90
C ARG B 62 -6.37 -19.39 -16.41
N PHE B 63 -7.34 -18.58 -16.03
CA PHE B 63 -7.87 -18.58 -14.68
C PHE B 63 -8.96 -19.64 -14.54
N SER B 64 -8.84 -20.50 -13.51
CA SER B 64 -9.88 -21.47 -13.22
C SER B 64 -10.07 -21.61 -11.73
N GLY B 65 -11.26 -22.02 -11.33
CA GLY B 65 -11.55 -22.28 -9.94
C GLY B 65 -12.08 -23.68 -9.78
N SER B 66 -11.76 -24.30 -8.65
CA SER B 66 -12.23 -25.64 -8.34
C SER B 66 -12.72 -25.70 -6.90
N ARG B 67 -13.68 -26.58 -6.66
CA ARG B 67 -14.18 -26.87 -5.32
C ARG B 67 -13.91 -28.32 -4.97
N SER B 68 -13.33 -28.54 -3.79
CA SER B 68 -13.15 -29.88 -3.22
C SER B 68 -13.70 -29.83 -1.79
N GLY B 69 -15.02 -30.01 -1.65
CA GLY B 69 -15.66 -30.01 -0.35
C GLY B 69 -15.76 -28.60 0.18
N THR B 70 -15.03 -28.29 1.25
CA THR B 70 -14.95 -26.91 1.72
C THR B 70 -13.61 -26.26 1.40
N ASP B 71 -12.84 -26.88 0.52
CA ASP B 71 -11.57 -26.33 0.08
C ASP B 71 -11.69 -25.87 -1.36
N PHE B 72 -11.21 -24.66 -1.64
CA PHE B 72 -11.38 -24.01 -2.92
C PHE B 72 -10.03 -23.60 -3.46
N THR B 73 -9.84 -23.72 -4.77
CA THR B 73 -8.57 -23.32 -5.34
C THR B 73 -8.81 -22.44 -6.55
N LEU B 74 -7.94 -21.46 -6.70
CA LEU B 74 -7.80 -20.68 -7.92
C LEU B 74 -6.51 -21.11 -8.57
N THR B 75 -6.57 -21.50 -9.85
CA THR B 75 -5.35 -21.87 -10.56
C THR B 75 -5.14 -20.94 -11.73
N ILE B 76 -3.90 -20.51 -11.95
CA ILE B 76 -3.50 -19.85 -13.17
C ILE B 76 -2.62 -20.82 -13.93
N SER B 77 -3.07 -21.26 -15.10
CA SER B 77 -2.40 -22.39 -15.73
C SER B 77 -1.04 -21.99 -16.28
N SER B 78 -0.89 -20.73 -16.68
CA SER B 78 0.38 -20.23 -17.21
C SER B 78 0.41 -18.73 -16.92
N LEU B 79 1.18 -18.33 -15.92
CA LEU B 79 1.22 -16.93 -15.56
C LEU B 79 1.71 -16.06 -16.72
N GLN B 80 1.04 -14.94 -16.91
CA GLN B 80 1.47 -13.92 -17.84
C GLN B 80 1.88 -12.68 -17.06
N PRO B 81 2.64 -11.78 -17.68
CA PRO B 81 3.20 -10.66 -16.92
C PRO B 81 2.16 -9.82 -16.21
N GLU B 82 0.96 -9.69 -16.76
CA GLU B 82 -0.07 -8.89 -16.13
C GLU B 82 -0.76 -9.59 -14.97
N ASP B 83 -0.38 -10.84 -14.65
CA ASP B 83 -1.07 -11.62 -13.64
C ASP B 83 -0.45 -11.48 -12.26
N PHE B 84 0.68 -10.80 -12.14
CA PHE B 84 1.28 -10.62 -10.84
C PHE B 84 0.50 -9.56 -10.08
N ALA B 85 -0.06 -9.96 -8.94
CA ALA B 85 -1.11 -9.22 -8.25
C ALA B 85 -1.43 -9.94 -6.95
N THR B 86 -2.35 -9.38 -6.16
CA THR B 86 -2.85 -10.07 -4.98
C THR B 86 -4.23 -10.64 -5.28
N TYR B 87 -4.49 -11.85 -4.80
CA TYR B 87 -5.73 -12.55 -5.07
C TYR B 87 -6.46 -12.81 -3.75
N TYR B 88 -7.78 -12.70 -3.78
CA TYR B 88 -8.62 -12.87 -2.59
C TYR B 88 -9.77 -13.78 -2.92
N CYS B 89 -10.05 -14.74 -2.03
CA CYS B 89 -11.30 -15.48 -2.08
C CYS B 89 -12.35 -14.82 -1.19
N GLN B 90 -13.62 -15.12 -1.46
CA GLN B 90 -14.70 -14.52 -0.69
C GLN B 90 -15.89 -15.47 -0.65
N GLN B 91 -16.44 -15.74 0.52
CA GLN B 91 -17.66 -16.52 0.57
C GLN B 91 -18.89 -15.63 0.67
N SER B 92 -19.94 -16.03 -0.03
CA SER B 92 -21.23 -15.36 -0.05
C SER B 92 -22.32 -16.35 0.30
N TYR B 93 -21.98 -17.40 1.05
CA TYR B 93 -22.97 -18.39 1.44
C TYR B 93 -23.82 -17.88 2.60
N SER B 94 -23.23 -17.13 3.51
CA SER B 94 -24.03 -16.61 4.61
C SER B 94 -23.50 -15.25 5.01
N PHE B 95 -24.39 -14.46 5.59
CA PHE B 95 -24.00 -13.17 6.15
C PHE B 95 -23.54 -13.38 7.60
N PRO B 96 -22.47 -12.71 8.04
CA PRO B 96 -21.67 -11.75 7.29
C PRO B 96 -20.76 -12.38 6.22
N ASN B 97 -20.67 -11.78 5.04
CA ASN B 97 -19.73 -12.27 4.04
C ASN B 97 -18.30 -12.15 4.56
N THR B 98 -17.41 -13.03 4.06
CA THR B 98 -16.04 -13.16 4.55
C THR B 98 -15.04 -13.24 3.40
N PHE B 99 -13.98 -12.45 3.46
CA PHE B 99 -12.83 -12.56 2.58
C PHE B 99 -11.70 -13.37 3.21
N GLY B 100 -10.99 -14.12 2.39
CA GLY B 100 -9.70 -14.65 2.80
C GLY B 100 -8.68 -13.54 2.92
N GLN B 101 -7.54 -13.88 3.52
CA GLN B 101 -6.50 -12.91 3.84
C GLN B 101 -5.68 -12.44 2.63
N GLY B 102 -5.77 -13.10 1.49
CA GLY B 102 -5.08 -12.65 0.30
C GLY B 102 -3.79 -13.39 0.07
N THR B 103 -3.42 -13.54 -1.21
CA THR B 103 -2.16 -14.15 -1.61
C THR B 103 -1.51 -13.23 -2.62
N LYS B 104 -0.30 -12.78 -2.33
CA LYS B 104 0.43 -11.93 -3.27
C LYS B 104 1.30 -12.80 -4.15
N VAL B 105 1.11 -12.71 -5.46
CA VAL B 105 1.86 -13.49 -6.44
C VAL B 105 2.90 -12.57 -7.05
N GLU B 106 4.18 -12.84 -6.78
CA GLU B 106 5.28 -11.98 -7.19
C GLU B 106 6.18 -12.72 -8.17
N ILE B 107 6.98 -11.96 -8.91
CA ILE B 107 7.76 -12.52 -10.00
C ILE B 107 9.14 -12.93 -9.49
N LYS B 108 9.51 -14.16 -9.79
CA LYS B 108 10.81 -14.71 -9.44
C LYS B 108 11.86 -14.20 -10.42
N ARG B 109 13.05 -13.93 -9.91
CA ARG B 109 14.17 -13.54 -10.75
C ARG B 109 15.46 -13.91 -10.02
N THR B 110 16.60 -13.63 -10.67
CA THR B 110 17.88 -13.97 -10.07
C THR B 110 18.17 -13.05 -8.88
N VAL B 111 19.00 -13.56 -7.96
CA VAL B 111 19.39 -12.79 -6.79
C VAL B 111 20.16 -11.54 -7.23
N ALA B 112 19.83 -10.41 -6.60
CA ALA B 112 20.51 -9.15 -6.88
C ALA B 112 20.81 -8.46 -5.56
N ALA B 113 22.08 -8.11 -5.33
CA ALA B 113 22.41 -7.48 -4.07
C ALA B 113 22.01 -6.01 -4.09
N PRO B 114 21.69 -5.43 -2.94
CA PRO B 114 21.35 -4.00 -2.91
C PRO B 114 22.59 -3.15 -3.08
N SER B 115 22.38 -1.98 -3.69
CA SER B 115 23.28 -0.85 -3.54
C SER B 115 22.82 -0.04 -2.35
N VAL B 116 23.74 0.31 -1.46
CA VAL B 116 23.40 0.90 -0.16
C VAL B 116 23.91 2.34 -0.12
N PHE B 117 23.06 3.25 0.34
CA PHE B 117 23.38 4.65 0.52
C PHE B 117 22.89 5.13 1.88
N ILE B 118 23.71 5.92 2.58
CA ILE B 118 23.31 6.55 3.83
C ILE B 118 23.25 8.06 3.63
N PHE B 119 22.23 8.70 4.25
CA PHE B 119 22.02 10.14 4.16
C PHE B 119 21.98 10.76 5.54
N PRO B 120 22.85 11.71 5.84
CA PRO B 120 22.76 12.42 7.11
C PRO B 120 21.56 13.34 7.14
N PRO B 121 21.14 13.79 8.31
CA PRO B 121 20.06 14.77 8.38
C PRO B 121 20.52 16.09 7.77
N SER B 122 19.56 16.78 7.16
CA SER B 122 19.86 18.07 6.56
C SER B 122 20.07 19.10 7.66
N ASP B 123 20.85 20.14 7.34
CA ASP B 123 20.99 21.22 8.31
C ASP B 123 19.66 21.90 8.56
N GLU B 124 18.78 21.93 7.54
CA GLU B 124 17.45 22.51 7.70
C GLU B 124 16.66 21.77 8.78
N GLN B 125 16.68 20.42 8.74
CA GLN B 125 15.90 19.68 9.73
C GLN B 125 16.45 19.87 11.12
N LEU B 126 17.78 19.88 11.25
CA LEU B 126 18.39 20.01 12.57
C LEU B 126 17.92 21.28 13.27
N LYS B 127 17.69 22.36 12.52
CA LYS B 127 17.19 23.60 13.09
C LYS B 127 15.95 23.38 13.94
N SER B 128 15.13 22.39 13.58
CA SER B 128 13.85 22.17 14.24
C SER B 128 13.94 21.20 15.41
N GLY B 129 15.09 20.62 15.67
CA GLY B 129 15.28 19.81 16.86
C GLY B 129 15.15 18.32 16.68
N THR B 130 15.02 17.83 15.44
CA THR B 130 14.97 16.40 15.18
C THR B 130 15.94 16.07 14.06
N ALA B 131 16.51 14.87 14.13
CA ALA B 131 17.43 14.38 13.13
C ALA B 131 16.87 13.06 12.59
N SER B 132 16.66 13.00 11.27
CA SER B 132 16.33 11.76 10.58
C SER B 132 17.54 11.33 9.78
N VAL B 133 18.00 10.09 10.01
CA VAL B 133 19.07 9.50 9.23
C VAL B 133 18.44 8.44 8.34
N VAL B 134 18.78 8.44 7.07
CA VAL B 134 18.11 7.56 6.11
C VAL B 134 19.12 6.63 5.46
N CYS B 135 18.75 5.37 5.36
CA CYS B 135 19.53 4.36 4.68
C CYS B 135 18.70 3.79 3.54
N LEU B 136 19.25 3.80 2.33
CA LEU B 136 18.56 3.29 1.14
C LEU B 136 19.22 2.00 0.68
N LEU B 137 18.39 0.96 0.50
CA LEU B 137 18.81 -0.28 -0.17
C LEU B 137 18.12 -0.31 -1.52
N ASN B 138 18.90 -0.25 -2.59
CA ASN B 138 18.35 -0.01 -3.93
C ASN B 138 18.42 -1.28 -4.78
N ASN B 139 17.27 -1.65 -5.38
CA ASN B 139 17.18 -2.62 -6.48
C ASN B 139 17.77 -3.99 -6.13
N PHE B 140 17.15 -4.65 -5.15
CA PHE B 140 17.64 -5.94 -4.68
C PHE B 140 16.57 -7.01 -4.84
N TYR B 141 17.00 -8.26 -4.80
CA TYR B 141 16.09 -9.39 -4.89
C TYR B 141 16.79 -10.60 -4.29
N PRO B 142 16.11 -11.40 -3.45
CA PRO B 142 14.72 -11.32 -3.00
C PRO B 142 14.44 -10.21 -2.00
N ARG B 143 13.19 -10.12 -1.56
CA ARG B 143 12.77 -9.02 -0.70
C ARG B 143 13.42 -9.07 0.67
N GLU B 144 13.78 -10.26 1.14
CA GLU B 144 14.32 -10.40 2.48
C GLU B 144 15.66 -9.66 2.60
N ALA B 145 15.75 -8.78 3.60
CA ALA B 145 16.95 -7.97 3.82
C ALA B 145 16.92 -7.50 5.27
N LYS B 146 18.10 -7.34 5.85
CA LYS B 146 18.21 -6.92 7.24
C LYS B 146 19.04 -5.66 7.31
N VAL B 147 18.48 -4.62 7.94
CA VAL B 147 19.18 -3.36 8.13
C VAL B 147 19.34 -3.12 9.62
N GLN B 148 20.56 -2.85 10.06
CA GLN B 148 20.84 -2.52 11.45
C GLN B 148 21.50 -1.15 11.50
N TRP B 149 21.07 -0.34 12.44
CA TRP B 149 21.65 0.98 12.67
C TRP B 149 22.65 0.91 13.83
N LYS B 150 23.78 1.57 13.67
CA LYS B 150 24.76 1.68 14.74
C LYS B 150 25.10 3.14 14.94
N VAL B 151 25.19 3.56 16.20
CA VAL B 151 25.57 4.92 16.55
C VAL B 151 26.82 4.77 17.41
N ASP B 152 27.96 5.25 16.91
CA ASP B 152 29.26 4.98 17.54
C ASP B 152 29.39 3.51 17.91
N ASN B 153 29.04 2.66 16.95
CA ASN B 153 29.11 1.20 16.99
C ASN B 153 28.13 0.55 17.96
N ALA B 154 27.18 1.29 18.51
CA ALA B 154 26.15 0.72 19.36
C ALA B 154 24.91 0.40 18.53
N LEU B 155 24.46 -0.85 18.60
CA LEU B 155 23.28 -1.29 17.87
C LEU B 155 22.01 -0.60 18.38
N GLN B 156 21.25 -0.01 17.46
CA GLN B 156 20.03 0.67 17.84
C GLN B 156 18.86 -0.28 17.81
N SER B 157 17.84 0.03 18.60
CA SER B 157 16.64 -0.80 18.64
C SER B 157 15.44 0.07 18.99
N GLY B 158 14.41 0.02 18.13
CA GLY B 158 13.16 0.65 18.45
C GLY B 158 12.99 2.06 17.94
N ASN B 159 14.02 2.64 17.32
CA ASN B 159 13.98 4.04 16.91
C ASN B 159 14.14 4.19 15.40
N SER B 160 13.83 3.16 14.64
CA SER B 160 13.84 3.21 13.19
C SER B 160 12.55 2.62 12.63
N GLN B 161 12.20 3.05 11.41
CA GLN B 161 11.08 2.49 10.67
C GLN B 161 11.52 2.25 9.24
N GLU B 162 11.00 1.17 8.64
CA GLU B 162 11.34 0.74 7.29
C GLU B 162 10.12 0.80 6.39
N SER B 163 10.37 1.05 5.10
CA SER B 163 9.34 0.97 4.07
C SER B 163 9.93 0.31 2.85
N VAL B 164 9.14 -0.50 2.13
CA VAL B 164 9.60 -1.22 0.94
C VAL B 164 8.68 -0.92 -0.23
N THR B 165 9.27 -0.73 -1.42
CA THR B 165 8.45 -0.50 -2.59
C THR B 165 7.84 -1.80 -3.12
N GLU B 166 6.84 -1.64 -3.99
CA GLU B 166 6.36 -2.78 -4.75
C GLU B 166 7.43 -3.22 -5.73
N GLN B 167 7.37 -4.49 -6.12
CA GLN B 167 8.28 -5.01 -7.12
C GLN B 167 8.29 -4.13 -8.36
N ASP B 168 9.47 -3.80 -8.84
CA ASP B 168 9.58 -2.90 -9.99
C ASP B 168 9.06 -3.59 -11.24
N SER B 169 8.30 -2.84 -12.04
CA SER B 169 7.67 -3.43 -13.22
C SER B 169 8.68 -3.77 -14.31
N LYS B 170 9.87 -3.16 -14.28
CA LYS B 170 10.89 -3.41 -15.28
C LYS B 170 11.86 -4.53 -14.87
N ASP B 171 12.61 -4.33 -13.78
CA ASP B 171 13.64 -5.27 -13.40
C ASP B 171 13.25 -6.20 -12.26
N SER B 172 12.03 -6.07 -11.74
CA SER B 172 11.45 -6.99 -10.77
C SER B 172 12.17 -6.97 -9.42
N THR B 173 12.87 -5.88 -9.08
CA THR B 173 13.56 -5.78 -7.81
C THR B 173 12.72 -4.98 -6.81
N TYR B 174 13.19 -4.99 -5.57
CA TYR B 174 12.64 -4.16 -4.51
C TYR B 174 13.64 -3.09 -4.12
N SER B 175 13.13 -2.03 -3.50
CA SER B 175 13.98 -1.09 -2.79
C SER B 175 13.40 -0.86 -1.40
N LEU B 176 14.28 -0.44 -0.49
CA LEU B 176 13.93 -0.32 0.91
C LEU B 176 14.55 0.94 1.48
N SER B 177 13.79 1.66 2.29
CA SER B 177 14.30 2.80 3.03
C SER B 177 14.16 2.50 4.51
N SER B 178 15.19 2.83 5.28
CA SER B 178 15.12 2.74 6.73
C SER B 178 15.50 4.10 7.28
N THR B 179 14.69 4.61 8.21
CA THR B 179 14.90 5.93 8.78
C THR B 179 15.10 5.81 10.27
N LEU B 180 16.22 6.32 10.76
CA LEU B 180 16.52 6.38 12.18
C LEU B 180 16.19 7.78 12.68
N THR B 181 15.41 7.86 13.76
CA THR B 181 14.96 9.14 14.29
C THR B 181 15.53 9.36 15.68
N LEU B 182 16.25 10.47 15.84
CA LEU B 182 16.85 10.91 17.09
C LEU B 182 16.50 12.36 17.33
N SER B 183 16.45 12.75 18.60
CA SER B 183 16.43 14.17 18.91
C SER B 183 17.75 14.80 18.44
N LYS B 184 17.71 16.11 18.22
CA LYS B 184 18.94 16.82 17.85
C LYS B 184 19.98 16.70 18.95
N ALA B 185 19.56 16.78 20.22
CA ALA B 185 20.51 16.67 21.32
C ALA B 185 21.18 15.31 21.32
N ASP B 186 20.40 14.23 21.16
CA ASP B 186 20.99 12.90 21.07
C ASP B 186 21.90 12.76 19.86
N TYR B 187 21.50 13.32 18.73
CA TYR B 187 22.30 13.19 17.51
C TYR B 187 23.67 13.82 17.69
N GLU B 188 23.72 14.97 18.34
CA GLU B 188 24.98 15.70 18.50
C GLU B 188 25.87 15.12 19.58
N LYS B 189 25.42 14.12 20.32
CA LYS B 189 26.25 13.47 21.32
C LYS B 189 27.12 12.36 20.76
N HIS B 190 27.05 12.09 19.46
CA HIS B 190 27.76 10.97 18.88
C HIS B 190 28.34 11.35 17.53
N LYS B 191 29.33 10.58 17.08
CA LYS B 191 30.06 10.90 15.87
C LYS B 191 29.69 10.01 14.68
N VAL B 192 29.81 8.69 14.80
CA VAL B 192 29.76 7.80 13.66
C VAL B 192 28.36 7.20 13.54
N TYR B 193 27.74 7.39 12.39
CA TYR B 193 26.40 6.88 12.10
C TYR B 193 26.54 5.89 10.96
N ALA B 194 26.05 4.66 11.16
CA ALA B 194 26.28 3.60 10.21
C ALA B 194 24.99 2.81 9.98
N CYS B 195 24.83 2.38 8.74
CA CYS B 195 23.79 1.46 8.31
C CYS B 195 24.50 0.20 7.85
N GLU B 196 24.16 -0.95 8.46
CA GLU B 196 24.77 -2.23 8.14
C GLU B 196 23.72 -3.17 7.56
N VAL B 197 23.99 -3.71 6.38
CA VAL B 197 23.00 -4.42 5.58
C VAL B 197 23.46 -5.85 5.36
N THR B 198 22.56 -6.80 5.57
CA THR B 198 22.79 -8.17 5.14
C THR B 198 21.73 -8.55 4.12
N HIS B 199 22.15 -9.23 3.07
CA HIS B 199 21.26 -9.69 2.03
C HIS B 199 21.84 -10.96 1.44
N GLN B 200 20.95 -11.78 0.88
CA GLN B 200 21.38 -13.03 0.24
C GLN B 200 22.42 -12.78 -0.84
N GLY B 201 22.31 -11.66 -1.55
CA GLY B 201 23.24 -11.35 -2.61
C GLY B 201 24.56 -10.77 -2.16
N LEU B 202 24.72 -10.54 -0.86
CA LEU B 202 25.95 -10.00 -0.29
C LEU B 202 26.70 -11.14 0.39
N SER B 203 27.97 -11.31 0.01
CA SER B 203 28.76 -12.38 0.61
C SER B 203 29.04 -12.11 2.08
N SER B 204 29.22 -10.84 2.44
CA SER B 204 29.40 -10.42 3.82
C SER B 204 28.60 -9.15 4.05
N PRO B 205 28.27 -8.85 5.31
CA PRO B 205 27.56 -7.61 5.61
C PRO B 205 28.25 -6.40 5.02
N VAL B 206 27.45 -5.39 4.68
CA VAL B 206 27.94 -4.15 4.09
C VAL B 206 27.56 -3.01 5.01
N THR B 207 28.54 -2.17 5.35
CA THR B 207 28.32 -1.00 6.18
C THR B 207 28.56 0.28 5.39
N LYS B 208 27.60 1.20 5.44
CA LYS B 208 27.78 2.56 4.97
C LYS B 208 27.67 3.51 6.15
N SER B 209 28.58 4.48 6.25
CA SER B 209 28.57 5.34 7.41
C SER B 209 29.00 6.75 7.04
N PHE B 210 28.71 7.68 7.94
CA PHE B 210 29.27 9.02 7.89
C PHE B 210 29.66 9.47 9.29
N ASN B 211 30.50 10.49 9.34
CA ASN B 211 30.89 11.14 10.58
C ASN B 211 30.16 12.47 10.67
N ARG B 212 29.45 12.68 11.78
CA ARG B 212 28.63 13.87 11.94
C ARG B 212 29.47 15.14 11.76
N GLY B 213 28.99 16.04 10.90
CA GLY B 213 29.70 17.28 10.65
C GLY B 213 30.96 17.07 9.85
N GLU B 214 30.86 16.30 8.77
CA GLU B 214 32.00 16.03 7.88
C GLU B 214 31.48 15.95 6.45
N CYS B 215 31.78 16.97 5.65
CA CYS B 215 31.53 16.95 4.20
C CYS B 215 30.14 16.48 3.81
#